data_7W6E
#
_entry.id   7W6E
#
_cell.length_a   32.574
_cell.length_b   39.453
_cell.length_c   43.083
_cell.angle_alpha   71.144
_cell.angle_beta   76.495
_cell.angle_gamma   67.510
#
_symmetry.space_group_name_H-M   'P 1'
#
loop_
_entity.id
_entity.type
_entity.pdbx_description
1 polymer 'Olivetolic acid cyclase'
2 non-polymer '2-heptyl-4,6-bis(oxidanyl)benzoic acid'
3 water water
#
_entity_poly.entity_id   1
_entity_poly.type   'polypeptide(L)'
_entity_poly.pdbx_seq_one_letter_code
;GPGMAVKHLIVLKFKDEITEAQKEEFIKTYVNLVNIIPAMKDVYWGKDVTQKNKEEGYTHIVEVTFESVETIQDYIIHPA
HVGFGDVYRSFWEKLLIFDYTPRK
;
_entity_poly.pdbx_strand_id   A,B
#
loop_
_chem_comp.id
_chem_comp.type
_chem_comp.name
_chem_comp.formula
8HL non-polymer '2-heptyl-4,6-bis(oxidanyl)benzoic acid' 'C14 H20 O4'
#
# COMPACT_ATOMS: atom_id res chain seq x y z
N GLY A 1 14.66 1.13 -15.22
CA GLY A 1 14.30 1.23 -16.65
C GLY A 1 14.31 2.70 -17.06
N PRO A 2 14.04 2.96 -18.33
CA PRO A 2 14.10 4.34 -18.83
C PRO A 2 13.02 5.23 -18.25
N GLY A 3 11.86 4.67 -17.92
CA GLY A 3 10.75 5.47 -17.47
C GLY A 3 10.85 5.72 -15.97
N MET A 4 10.45 6.91 -15.57
CA MET A 4 10.35 7.22 -14.15
C MET A 4 8.89 7.33 -13.77
N ALA A 5 8.58 6.84 -12.59
CA ALA A 5 7.22 6.87 -12.11
C ALA A 5 7.26 7.01 -10.60
N VAL A 6 6.16 7.53 -10.06
CA VAL A 6 5.93 7.61 -8.63
C VAL A 6 4.56 6.98 -8.41
N LYS A 7 4.45 6.11 -7.41
CA LYS A 7 3.18 5.51 -7.07
C LYS A 7 2.50 6.31 -5.99
N HIS A 8 1.26 6.65 -6.24
CA HIS A 8 0.38 7.32 -5.29
C HIS A 8 -0.56 6.25 -4.74
N LEU A 9 -0.38 5.90 -3.48
CA LEU A 9 -1.09 4.80 -2.84
C LEU A 9 -2.10 5.39 -1.87
N ILE A 10 -3.35 4.96 -1.98
CA ILE A 10 -4.43 5.33 -1.07
C ILE A 10 -4.93 4.08 -0.34
N VAL A 11 -5.02 4.16 0.97
CA VAL A 11 -5.62 3.13 1.80
C VAL A 11 -6.90 3.72 2.37
N LEU A 12 -8.01 3.00 2.23
N LEU A 12 -8.01 3.00 2.25
CA LEU A 12 -9.30 3.62 2.47
CA LEU A 12 -9.34 3.59 2.40
C LEU A 12 -10.22 2.72 3.28
C LEU A 12 -10.24 2.71 3.27
N LYS A 13 -10.99 3.36 4.18
CA LYS A 13 -12.09 2.73 4.90
C LYS A 13 -13.34 3.55 4.62
N PHE A 14 -14.38 2.90 4.09
CA PHE A 14 -15.69 3.51 3.92
C PHE A 14 -16.41 3.57 5.27
N LYS A 15 -17.31 4.52 5.41
CA LYS A 15 -18.22 4.46 6.55
C LYS A 15 -19.05 3.16 6.50
N ASP A 16 -19.42 2.68 7.70
CA ASP A 16 -20.05 1.36 7.80
C ASP A 16 -21.40 1.29 7.08
N GLU A 17 -22.13 2.37 7.02
CA GLU A 17 -23.45 2.34 6.41
C GLU A 17 -23.44 2.39 4.88
N ILE A 18 -22.29 2.60 4.26
CA ILE A 18 -22.20 2.76 2.81
C ILE A 18 -22.46 1.41 2.19
N THR A 19 -23.29 1.38 1.16
CA THR A 19 -23.64 0.12 0.54
C THR A 19 -22.56 -0.31 -0.45
N GLU A 20 -22.61 -1.59 -0.82
CA GLU A 20 -21.73 -2.10 -1.87
C GLU A 20 -22.01 -1.39 -3.20
N ALA A 21 -23.27 -1.10 -3.49
CA ALA A 21 -23.60 -0.38 -4.71
C ALA A 21 -22.98 0.99 -4.70
N GLN A 22 -22.99 1.64 -3.55
CA GLN A 22 -22.38 2.96 -3.43
C GLN A 22 -20.88 2.89 -3.56
N LYS A 23 -20.24 1.90 -2.94
CA LYS A 23 -18.81 1.75 -3.10
C LYS A 23 -18.44 1.57 -4.56
N GLU A 24 -19.21 0.75 -5.28
CA GLU A 24 -18.89 0.46 -6.67
C GLU A 24 -18.98 1.73 -7.50
N GLU A 25 -20.01 2.52 -7.28
CA GLU A 25 -20.12 3.76 -8.04
C GLU A 25 -19.01 4.75 -7.67
N PHE A 26 -18.72 4.88 -6.38
CA PHE A 26 -17.60 5.71 -5.91
C PHE A 26 -16.31 5.33 -6.62
N ILE A 27 -16.00 4.03 -6.66
CA ILE A 27 -14.75 3.60 -7.28
C ILE A 27 -14.79 3.83 -8.78
N LYS A 28 -15.92 3.56 -9.42
N LYS A 28 -15.92 3.55 -9.43
CA LYS A 28 -16.00 3.79 -10.86
CA LYS A 28 -16.00 3.79 -10.86
C LYS A 28 -15.79 5.27 -11.18
C LYS A 28 -15.77 5.27 -11.18
N THR A 29 -16.34 6.16 -10.38
CA THR A 29 -16.17 7.59 -10.60
C THR A 29 -14.72 7.99 -10.34
N TYR A 30 -14.07 7.42 -9.33
CA TYR A 30 -12.65 7.68 -9.12
C TYR A 30 -11.78 7.19 -10.26
N VAL A 31 -11.96 5.95 -10.70
N VAL A 31 -11.96 5.94 -10.68
CA VAL A 31 -11.11 5.47 -11.77
CA VAL A 31 -11.16 5.42 -11.79
C VAL A 31 -11.38 6.24 -13.07
C VAL A 31 -11.38 6.25 -13.05
N ASN A 32 -12.59 6.77 -13.24
CA ASN A 32 -12.89 7.56 -14.42
C ASN A 32 -12.06 8.85 -14.45
N LEU A 33 -11.51 9.29 -13.32
CA LEU A 33 -10.65 10.47 -13.36
C LEU A 33 -9.47 10.31 -14.31
N VAL A 34 -9.09 9.09 -14.67
N VAL A 34 -9.11 9.09 -14.66
CA VAL A 34 -8.03 8.95 -15.66
CA VAL A 34 -8.05 8.90 -15.65
C VAL A 34 -8.43 9.62 -16.96
C VAL A 34 -8.43 9.54 -16.99
N ASN A 35 -9.72 9.62 -17.29
CA ASN A 35 -10.26 10.27 -18.49
C ASN A 35 -10.42 11.77 -18.37
N ILE A 36 -10.11 12.32 -17.22
CA ILE A 36 -10.35 13.72 -16.92
C ILE A 36 -9.05 14.44 -16.59
N ILE A 37 -8.24 13.83 -15.72
CA ILE A 37 -7.04 14.45 -15.18
C ILE A 37 -5.86 13.96 -16.00
N PRO A 38 -5.19 14.81 -16.80
CA PRO A 38 -4.07 14.33 -17.63
C PRO A 38 -3.00 13.54 -16.84
N ALA A 39 -2.62 14.04 -15.67
CA ALA A 39 -1.50 13.48 -14.92
C ALA A 39 -1.73 12.02 -14.51
N MET A 40 -2.98 11.63 -14.37
N MET A 40 -2.98 11.65 -14.31
CA MET A 40 -3.31 10.35 -13.80
CA MET A 40 -3.30 10.30 -13.84
C MET A 40 -3.24 9.31 -14.90
C MET A 40 -3.15 9.33 -14.99
N LYS A 41 -2.27 8.37 -14.81
CA LYS A 41 -1.91 7.46 -15.91
C LYS A 41 -2.62 6.12 -15.83
N ASP A 42 -2.72 5.54 -14.64
CA ASP A 42 -3.32 4.23 -14.47
C ASP A 42 -3.81 4.12 -13.04
N VAL A 43 -4.80 3.24 -12.84
CA VAL A 43 -5.28 2.87 -11.51
C VAL A 43 -5.41 1.35 -11.43
N TYR A 44 -4.90 0.77 -10.35
CA TYR A 44 -5.21 -0.59 -9.96
C TYR A 44 -5.70 -0.50 -8.52
N TRP A 45 -6.66 -1.32 -8.14
CA TRP A 45 -7.13 -1.31 -6.77
C TRP A 45 -7.50 -2.72 -6.38
N GLY A 46 -7.66 -2.91 -5.08
CA GLY A 46 -8.18 -4.18 -4.61
C GLY A 46 -8.73 -4.07 -3.22
N LYS A 47 -9.47 -5.10 -2.83
CA LYS A 47 -10.02 -5.20 -1.48
C LYS A 47 -9.19 -6.18 -0.67
N ASP A 48 -8.81 -5.77 0.52
CA ASP A 48 -8.09 -6.67 1.43
C ASP A 48 -8.94 -7.90 1.74
N VAL A 49 -8.29 -9.05 1.80
CA VAL A 49 -8.98 -10.30 2.08
C VAL A 49 -8.56 -10.95 3.39
N THR A 50 -7.50 -10.51 4.03
CA THR A 50 -6.98 -11.20 5.23
C THR A 50 -7.36 -10.52 6.54
N GLN A 51 -7.69 -9.23 6.54
CA GLN A 51 -8.19 -8.57 7.74
C GLN A 51 -7.19 -8.62 8.90
N LYS A 52 -5.92 -8.38 8.59
N LYS A 52 -5.91 -8.40 8.59
CA LYS A 52 -4.88 -8.45 9.63
CA LYS A 52 -4.86 -8.42 9.60
C LYS A 52 -4.97 -7.28 10.58
C LYS A 52 -4.82 -7.14 10.43
N ASN A 53 -5.52 -6.15 10.13
N ASN A 53 -5.60 -6.15 10.05
CA ASN A 53 -5.71 -4.96 10.96
CA ASN A 53 -5.76 -4.93 10.82
C ASN A 53 -7.21 -4.65 10.97
C ASN A 53 -7.24 -4.63 10.96
N LYS A 54 -8.00 -5.66 11.32
CA LYS A 54 -9.45 -5.54 11.29
C LYS A 54 -9.91 -4.43 12.20
N GLU A 55 -9.25 -4.29 13.34
CA GLU A 55 -9.58 -3.25 14.30
C GLU A 55 -9.40 -1.82 13.76
N GLU A 56 -8.57 -1.60 12.75
CA GLU A 56 -8.46 -0.26 12.14
C GLU A 56 -9.43 -0.09 10.97
N GLY A 57 -9.76 -1.17 10.29
CA GLY A 57 -10.91 -1.15 9.42
C GLY A 57 -10.64 -0.81 7.98
N TYR A 58 -9.42 -0.45 7.59
CA TYR A 58 -9.17 -0.16 6.18
C TYR A 58 -9.43 -1.42 5.37
N THR A 59 -10.09 -1.24 4.23
CA THR A 59 -10.50 -2.35 3.38
C THR A 59 -10.00 -2.24 1.95
N HIS A 60 -9.74 -1.04 1.42
CA HIS A 60 -9.48 -0.87 0.02
C HIS A 60 -8.12 -0.23 -0.18
N ILE A 61 -7.40 -0.73 -1.18
N ILE A 61 -7.40 -0.77 -1.15
CA ILE A 61 -6.06 -0.25 -1.52
CA ILE A 61 -6.08 -0.27 -1.55
C ILE A 61 -6.08 0.16 -2.99
C ILE A 61 -6.19 0.21 -2.99
N VAL A 62 -5.67 1.40 -3.26
CA VAL A 62 -5.76 1.98 -4.58
C VAL A 62 -4.37 2.47 -4.97
N GLU A 63 -3.86 2.03 -6.10
CA GLU A 63 -2.51 2.36 -6.58
C GLU A 63 -2.65 3.16 -7.86
N VAL A 64 -2.15 4.39 -7.86
CA VAL A 64 -2.25 5.28 -9.01
C VAL A 64 -0.85 5.63 -9.47
N THR A 65 -0.60 5.45 -10.77
N THR A 65 -0.59 5.44 -10.77
CA THR A 65 0.71 5.72 -11.33
CA THR A 65 0.73 5.73 -11.30
C THR A 65 0.80 7.13 -11.88
C THR A 65 0.80 7.14 -11.86
N PHE A 66 1.88 7.83 -11.54
CA PHE A 66 2.17 9.16 -12.05
C PHE A 66 3.60 9.22 -12.54
N GLU A 67 3.90 10.22 -13.39
CA GLU A 67 5.27 10.42 -13.85
C GLU A 67 6.15 11.02 -12.78
N SER A 68 5.62 11.86 -11.89
CA SER A 68 6.48 12.57 -10.96
C SER A 68 5.66 13.16 -9.82
N VAL A 69 6.36 13.63 -8.78
CA VAL A 69 5.65 14.32 -7.72
C VAL A 69 4.99 15.61 -8.21
N GLU A 70 5.56 16.25 -9.23
CA GLU A 70 4.95 17.45 -9.78
C GLU A 70 3.63 17.16 -10.45
N THR A 71 3.54 16.06 -11.19
CA THR A 71 2.25 15.76 -11.79
C THR A 71 1.26 15.24 -10.76
N ILE A 72 1.74 14.63 -9.67
CA ILE A 72 0.84 14.31 -8.56
C ILE A 72 0.20 15.59 -8.02
N GLN A 73 1.00 16.66 -7.87
CA GLN A 73 0.41 17.90 -7.38
C GLN A 73 -0.65 18.43 -8.34
N ASP A 74 -0.42 18.30 -9.65
CA ASP A 74 -1.42 18.73 -10.61
C ASP A 74 -2.73 17.96 -10.44
N TYR A 75 -2.62 16.65 -10.14
CA TYR A 75 -3.79 15.84 -9.83
C TYR A 75 -4.49 16.34 -8.58
N ILE A 76 -3.74 16.66 -7.53
CA ILE A 76 -4.36 17.04 -6.27
C ILE A 76 -5.20 18.31 -6.44
N ILE A 77 -4.66 19.29 -7.18
CA ILE A 77 -5.33 20.58 -7.34
C ILE A 77 -6.26 20.63 -8.52
N HIS A 78 -6.36 19.56 -9.30
CA HIS A 78 -7.24 19.60 -10.46
C HIS A 78 -8.68 19.79 -9.98
N PRO A 79 -9.48 20.58 -10.67
CA PRO A 79 -10.86 20.78 -10.17
C PRO A 79 -11.65 19.51 -10.03
N ALA A 80 -11.41 18.54 -10.89
CA ALA A 80 -12.16 17.28 -10.78
C ALA A 80 -11.75 16.50 -9.55
N HIS A 81 -10.51 16.64 -9.09
CA HIS A 81 -10.12 16.00 -7.84
C HIS A 81 -10.75 16.69 -6.65
N VAL A 82 -10.70 18.03 -6.62
CA VAL A 82 -11.40 18.78 -5.59
C VAL A 82 -12.88 18.40 -5.60
N GLY A 83 -13.46 18.30 -6.80
CA GLY A 83 -14.86 18.02 -6.93
C GLY A 83 -15.24 16.62 -6.50
N PHE A 84 -14.35 15.65 -6.73
CA PHE A 84 -14.56 14.30 -6.19
C PHE A 84 -14.68 14.35 -4.67
N GLY A 85 -13.80 15.09 -4.01
CA GLY A 85 -13.95 15.25 -2.57
C GLY A 85 -15.22 15.98 -2.17
N ASP A 86 -15.61 17.01 -2.94
CA ASP A 86 -16.86 17.71 -2.65
C ASP A 86 -18.03 16.73 -2.62
N VAL A 87 -18.09 15.85 -3.60
CA VAL A 87 -19.25 14.99 -3.71
C VAL A 87 -19.16 13.76 -2.79
N TYR A 88 -17.94 13.26 -2.50
CA TYR A 88 -17.80 11.92 -1.92
C TYR A 88 -17.08 11.84 -0.58
N ARG A 89 -16.58 12.97 -0.07
N ARG A 89 -16.58 12.97 -0.07
CA ARG A 89 -15.87 12.92 1.20
CA ARG A 89 -15.88 12.91 1.20
C ARG A 89 -16.73 12.29 2.29
C ARG A 89 -16.73 12.29 2.30
N SER A 90 -18.05 12.52 2.27
CA SER A 90 -18.93 11.95 3.28
C SER A 90 -19.01 10.42 3.22
N PHE A 91 -18.51 9.77 2.18
CA PHE A 91 -18.55 8.32 2.10
C PHE A 91 -17.39 7.64 2.81
N TRP A 92 -16.24 8.29 2.98
CA TRP A 92 -15.12 7.64 3.61
C TRP A 92 -15.02 8.02 5.07
N GLU A 93 -14.55 7.07 5.86
CA GLU A 93 -14.31 7.31 7.26
C GLU A 93 -12.88 7.74 7.49
N LYS A 94 -11.94 7.07 6.84
CA LYS A 94 -10.57 7.49 6.98
C LYS A 94 -9.73 6.97 5.83
N LEU A 95 -8.58 7.59 5.71
CA LEU A 95 -7.71 7.45 4.56
C LEU A 95 -6.27 7.48 5.04
N LEU A 96 -5.39 6.87 4.26
CA LEU A 96 -3.97 7.12 4.32
C LEU A 96 -3.48 7.33 2.91
N ILE A 97 -2.57 8.29 2.73
CA ILE A 97 -2.06 8.67 1.42
C ILE A 97 -0.54 8.56 1.45
N PHE A 98 0.03 7.95 0.43
CA PHE A 98 1.47 7.81 0.31
C PHE A 98 1.91 8.10 -1.10
N ASP A 99 3.14 8.57 -1.24
N ASP A 99 3.11 8.66 -1.25
CA ASP A 99 3.75 8.80 -2.54
CA ASP A 99 3.76 8.82 -2.54
C ASP A 99 5.18 8.31 -2.48
C ASP A 99 5.16 8.24 -2.42
N TYR A 100 5.51 7.31 -3.30
CA TYR A 100 6.81 6.69 -3.22
C TYR A 100 7.18 6.07 -4.55
N THR A 101 8.47 5.88 -4.74
N THR A 101 8.48 5.89 -4.73
CA THR A 101 8.99 5.23 -5.94
CA THR A 101 9.02 5.24 -5.93
C THR A 101 9.45 3.85 -5.55
C THR A 101 9.46 3.84 -5.54
N PRO A 102 8.76 2.79 -5.96
CA PRO A 102 9.17 1.44 -5.57
C PRO A 102 10.54 1.15 -6.14
N ARG A 103 11.35 0.44 -5.35
CA ARG A 103 12.66 0.02 -5.82
C ARG A 103 13.04 -1.29 -5.14
N LYS A 104 14.11 -1.91 -5.62
CA LYS A 104 14.51 -3.21 -5.07
C LYS A 104 15.48 -3.08 -3.90
N GLY B 1 -0.61 -11.40 -18.27
CA GLY B 1 -1.19 -12.76 -18.44
C GLY B 1 -2.46 -12.87 -17.64
N PRO B 2 -3.13 -14.01 -17.71
CA PRO B 2 -4.43 -14.15 -17.03
C PRO B 2 -4.32 -14.44 -15.55
N GLY B 3 -3.12 -14.51 -14.97
CA GLY B 3 -2.99 -15.00 -13.60
C GLY B 3 -3.68 -14.14 -12.57
N MET B 4 -4.01 -14.80 -11.46
CA MET B 4 -4.70 -14.24 -10.30
C MET B 4 -3.80 -14.43 -9.09
N ALA B 5 -2.79 -13.59 -8.96
CA ALA B 5 -1.87 -13.60 -7.82
C ALA B 5 -2.36 -12.64 -6.73
N VAL B 6 -1.68 -12.67 -5.60
CA VAL B 6 -2.07 -11.85 -4.45
C VAL B 6 -0.88 -11.02 -4.00
N LYS B 7 -1.07 -9.72 -3.84
CA LYS B 7 -0.04 -8.86 -3.32
C LYS B 7 -0.16 -8.72 -1.81
N HIS B 8 0.97 -8.78 -1.12
CA HIS B 8 1.09 -8.56 0.31
C HIS B 8 1.75 -7.18 0.47
N LEU B 9 1.02 -6.27 1.10
CA LEU B 9 1.46 -4.89 1.26
C LEU B 9 1.66 -4.60 2.73
N ILE B 10 2.83 -4.06 3.07
CA ILE B 10 3.22 -3.73 4.43
C ILE B 10 3.45 -2.23 4.49
N VAL B 11 2.85 -1.59 5.49
CA VAL B 11 2.98 -0.16 5.70
C VAL B 11 3.51 0.03 7.11
N LEU B 12 4.62 0.76 7.26
CA LEU B 12 5.38 0.72 8.51
C LEU B 12 5.84 2.10 8.96
N LYS B 13 5.79 2.34 10.28
CA LYS B 13 6.48 3.46 10.92
C LYS B 13 7.45 2.88 11.94
N PHE B 14 8.72 3.25 11.83
CA PHE B 14 9.71 2.85 12.81
C PHE B 14 9.61 3.71 14.07
N LYS B 15 10.06 3.15 15.18
CA LYS B 15 10.25 3.96 16.38
C LYS B 15 11.22 5.10 16.09
N ASP B 16 11.01 6.21 16.79
CA ASP B 16 11.81 7.41 16.56
C ASP B 16 13.29 7.17 16.80
N GLU B 17 13.65 6.30 17.76
CA GLU B 17 15.07 6.09 18.07
C GLU B 17 15.84 5.33 16.98
N ILE B 18 15.15 4.70 16.05
CA ILE B 18 15.84 3.89 15.05
C ILE B 18 16.54 4.80 14.06
N THR B 19 17.81 4.53 13.81
CA THR B 19 18.54 5.39 12.89
C THR B 19 18.29 4.97 11.44
N GLU B 20 18.65 5.85 10.52
CA GLU B 20 18.53 5.52 9.10
C GLU B 20 19.36 4.29 8.73
N ALA B 21 20.56 4.18 9.27
CA ALA B 21 21.38 2.99 8.99
C ALA B 21 20.70 1.73 9.49
N GLN B 22 20.06 1.80 10.67
CA GLN B 22 19.36 0.64 11.19
C GLN B 22 18.16 0.28 10.33
N LYS B 23 17.41 1.27 9.85
CA LYS B 23 16.29 0.97 8.94
C LYS B 23 16.77 0.26 7.69
N GLU B 24 17.89 0.73 7.14
CA GLU B 24 18.42 0.14 5.93
C GLU B 24 18.81 -1.32 6.15
N GLU B 25 19.45 -1.62 7.28
CA GLU B 25 19.86 -2.99 7.59
C GLU B 25 18.64 -3.89 7.80
N PHE B 26 17.60 -3.36 8.43
CA PHE B 26 16.35 -4.07 8.60
C PHE B 26 15.75 -4.44 7.25
N ILE B 27 15.70 -3.48 6.31
CA ILE B 27 15.15 -3.78 4.99
C ILE B 27 16.03 -4.76 4.23
N LYS B 28 17.34 -4.59 4.29
CA LYS B 28 18.23 -5.51 3.61
C LYS B 28 18.04 -6.94 4.11
N THR B 29 17.93 -7.10 5.42
N THR B 29 17.92 -7.11 5.43
CA THR B 29 17.74 -8.44 5.97
CA THR B 29 17.77 -8.46 5.99
C THR B 29 16.41 -9.01 5.55
C THR B 29 16.36 -9.02 5.78
N TYR B 30 15.39 -8.17 5.49
CA TYR B 30 14.07 -8.61 5.03
C TYR B 30 14.12 -9.10 3.59
N VAL B 31 14.69 -8.30 2.70
CA VAL B 31 14.83 -8.70 1.30
C VAL B 31 15.55 -10.03 1.15
N ASN B 32 16.52 -10.31 2.02
CA ASN B 32 17.24 -11.58 1.97
C ASN B 32 16.35 -12.79 2.20
N LEU B 33 15.18 -12.60 2.82
CA LEU B 33 14.25 -13.71 3.01
C LEU B 33 13.78 -14.31 1.69
N VAL B 34 13.85 -13.57 0.59
CA VAL B 34 13.44 -14.13 -0.70
C VAL B 34 14.23 -15.39 -1.00
N ASN B 35 15.52 -15.43 -0.64
CA ASN B 35 16.39 -16.56 -0.90
C ASN B 35 16.14 -17.74 0.03
N ILE B 36 15.31 -17.56 1.05
CA ILE B 36 15.12 -18.56 2.08
C ILE B 36 13.71 -19.14 2.06
N ILE B 37 12.70 -18.32 1.86
CA ILE B 37 11.29 -18.70 1.99
C ILE B 37 10.78 -18.99 0.57
N PRO B 38 10.43 -20.21 0.26
CA PRO B 38 9.98 -20.51 -1.12
C PRO B 38 8.85 -19.62 -1.62
N ALA B 39 7.84 -19.37 -0.78
CA ALA B 39 6.66 -18.63 -1.21
C ALA B 39 6.97 -17.19 -1.59
N MET B 40 8.01 -16.61 -1.01
CA MET B 40 8.26 -15.19 -1.12
C MET B 40 9.08 -14.97 -2.38
N LYS B 41 8.48 -14.29 -3.36
CA LYS B 41 9.01 -14.24 -4.71
C LYS B 41 9.88 -13.00 -4.96
N ASP B 42 9.41 -11.81 -4.59
CA ASP B 42 10.11 -10.58 -4.94
C ASP B 42 9.72 -9.52 -3.93
N VAL B 43 10.58 -8.52 -3.73
CA VAL B 43 10.30 -7.40 -2.83
C VAL B 43 10.57 -6.10 -3.56
N TYR B 44 9.59 -5.21 -3.54
CA TYR B 44 9.78 -3.81 -3.89
C TYR B 44 9.44 -2.97 -2.67
N TRP B 45 10.15 -1.88 -2.45
CA TRP B 45 9.80 -1.03 -1.32
C TRP B 45 10.10 0.41 -1.67
N GLY B 46 9.56 1.30 -0.86
CA GLY B 46 9.89 2.69 -1.00
C GLY B 46 9.58 3.45 0.25
N LYS B 47 10.15 4.64 0.31
CA LYS B 47 9.94 5.59 1.40
C LYS B 47 8.97 6.66 0.92
N ASP B 48 7.95 6.94 1.71
CA ASP B 48 7.02 8.01 1.40
C ASP B 48 7.74 9.36 1.40
N VAL B 49 7.33 10.21 0.47
CA VAL B 49 7.91 11.53 0.34
C VAL B 49 6.93 12.66 0.62
N THR B 50 5.64 12.37 0.78
N THR B 50 5.64 12.41 0.75
CA THR B 50 4.64 13.44 0.90
CA THR B 50 4.73 13.54 0.93
C THR B 50 4.23 13.74 2.34
C THR B 50 4.27 13.77 2.36
N GLN B 51 4.36 12.79 3.25
CA GLN B 51 4.05 12.98 4.67
C GLN B 51 2.72 13.67 4.92
N LYS B 52 1.64 13.04 4.45
N LYS B 52 1.64 13.04 4.45
CA LYS B 52 0.29 13.61 4.45
CA LYS B 52 0.32 13.63 4.47
C LYS B 52 -0.62 13.03 5.52
C LYS B 52 -0.63 13.00 5.48
N ASN B 53 -0.13 12.17 6.40
CA ASN B 53 -1.01 11.40 7.28
C ASN B 53 -1.01 11.85 8.73
N LYS B 54 -0.35 12.97 9.04
CA LYS B 54 -0.51 13.65 10.33
C LYS B 54 -0.09 12.72 11.45
N GLU B 55 -1.00 12.35 12.36
CA GLU B 55 -0.65 11.53 13.51
C GLU B 55 -0.39 10.08 13.15
N GLU B 56 -0.64 9.68 11.91
CA GLU B 56 -0.41 8.31 11.45
C GLU B 56 0.76 8.28 10.46
N GLY B 57 1.95 8.60 10.97
CA GLY B 57 3.10 8.90 10.13
C GLY B 57 3.92 7.73 9.63
N TYR B 58 3.24 6.78 8.98
CA TYR B 58 3.95 5.68 8.33
C TYR B 58 4.92 6.26 7.32
N THR B 59 6.08 5.64 7.18
CA THR B 59 7.14 6.12 6.30
C THR B 59 7.53 5.14 5.21
N HIS B 60 7.34 3.84 5.41
CA HIS B 60 7.88 2.86 4.50
C HIS B 60 6.78 1.95 4.00
N ILE B 61 6.86 1.60 2.72
N ILE B 61 6.82 1.68 2.71
CA ILE B 61 5.87 0.78 2.05
CA ILE B 61 5.89 0.78 2.05
C ILE B 61 6.58 -0.36 1.34
C ILE B 61 6.71 -0.38 1.50
N VAL B 62 6.17 -1.59 1.61
CA VAL B 62 6.81 -2.78 1.08
C VAL B 62 5.76 -3.62 0.37
N GLU B 63 6.07 -4.06 -0.85
CA GLU B 63 5.16 -4.85 -1.68
C GLU B 63 5.83 -6.17 -2.04
N VAL B 64 5.12 -7.26 -1.81
CA VAL B 64 5.65 -8.61 -2.03
C VAL B 64 4.55 -9.39 -2.74
N THR B 65 4.83 -9.93 -3.93
N THR B 65 4.85 -9.96 -3.90
CA THR B 65 3.81 -10.72 -4.62
CA THR B 65 3.86 -10.74 -4.61
C THR B 65 3.96 -12.19 -4.26
C THR B 65 3.98 -12.22 -4.26
N PHE B 66 2.81 -12.83 -4.11
CA PHE B 66 2.70 -14.25 -3.77
C PHE B 66 1.68 -14.90 -4.70
N GLU B 67 1.68 -16.24 -4.72
N GLU B 67 1.73 -16.23 -4.74
CA GLU B 67 0.71 -16.92 -5.58
CA GLU B 67 0.72 -17.00 -5.48
C GLU B 67 -0.69 -16.98 -4.97
C GLU B 67 -0.68 -16.76 -4.92
N SER B 68 -0.82 -16.90 -3.63
CA SER B 68 -2.14 -16.95 -3.03
C SER B 68 -2.06 -16.54 -1.57
N VAL B 69 -3.24 -16.37 -0.97
CA VAL B 69 -3.29 -16.13 0.47
C VAL B 69 -2.65 -17.29 1.21
N GLU B 70 -2.88 -18.52 0.74
CA GLU B 70 -2.30 -19.64 1.46
C GLU B 70 -0.77 -19.59 1.48
N THR B 71 -0.14 -19.13 0.38
CA THR B 71 1.31 -19.07 0.41
C THR B 71 1.82 -17.83 1.15
N ILE B 72 1.02 -16.74 1.24
CA ILE B 72 1.35 -15.70 2.21
C ILE B 72 1.41 -16.30 3.60
N GLN B 73 0.43 -17.14 3.94
CA GLN B 73 0.40 -17.74 5.27
C GLN B 73 1.59 -18.66 5.49
N ASP B 74 2.04 -19.38 4.45
CA ASP B 74 3.27 -20.15 4.56
C ASP B 74 4.44 -19.26 4.92
N TYR B 75 4.53 -18.08 4.29
N TYR B 75 4.53 -18.08 4.28
CA TYR B 75 5.59 -17.13 4.60
CA TYR B 75 5.62 -17.16 4.56
C TYR B 75 5.49 -16.67 6.05
C TYR B 75 5.54 -16.64 5.99
N ILE B 76 4.28 -16.38 6.52
N ILE B 76 4.33 -16.41 6.49
CA ILE B 76 4.11 -15.87 7.89
CA ILE B 76 4.17 -15.87 7.85
C ILE B 76 4.69 -16.86 8.90
C ILE B 76 4.71 -16.85 8.88
N ILE B 77 4.44 -18.16 8.69
CA ILE B 77 4.82 -19.14 9.70
C ILE B 77 6.17 -19.78 9.43
N HIS B 78 6.83 -19.45 8.32
CA HIS B 78 8.15 -19.99 8.04
C HIS B 78 9.11 -19.53 9.13
N PRO B 79 9.97 -20.42 9.65
N PRO B 79 9.99 -20.42 9.63
CA PRO B 79 10.84 -20.03 10.77
CA PRO B 79 10.83 -20.03 10.77
C PRO B 79 11.71 -18.81 10.50
C PRO B 79 11.73 -18.83 10.51
N ALA B 80 12.12 -18.57 9.26
CA ALA B 80 12.96 -17.41 8.99
C ALA B 80 12.16 -16.13 9.10
N HIS B 81 10.88 -16.19 8.75
CA HIS B 81 10.01 -15.04 8.93
C HIS B 81 9.65 -14.84 10.39
N VAL B 82 9.30 -15.92 11.08
CA VAL B 82 9.03 -15.82 12.51
C VAL B 82 10.24 -15.22 13.22
N GLY B 83 11.43 -15.71 12.88
CA GLY B 83 12.62 -15.21 13.53
C GLY B 83 12.87 -13.75 13.24
N PHE B 84 12.72 -13.34 11.98
CA PHE B 84 12.90 -11.93 11.62
C PHE B 84 11.91 -11.06 12.37
N GLY B 85 10.64 -11.47 12.36
CA GLY B 85 9.62 -10.68 13.00
C GLY B 85 9.83 -10.57 14.49
N ASP B 86 10.24 -11.64 15.12
N ASP B 86 10.30 -11.63 15.13
CA ASP B 86 10.35 -11.57 16.57
CA ASP B 86 10.38 -11.49 16.58
C ASP B 86 11.51 -10.69 16.97
C ASP B 86 11.63 -10.75 17.06
N VAL B 87 12.64 -10.81 16.30
N VAL B 87 12.74 -10.77 16.30
CA VAL B 87 13.82 -10.10 16.73
CA VAL B 87 13.92 -10.04 16.75
C VAL B 87 13.73 -8.61 16.44
C VAL B 87 13.95 -8.59 16.29
N TYR B 88 13.07 -8.23 15.37
N TYR B 88 13.06 -8.20 15.39
CA TYR B 88 12.98 -6.84 14.99
CA TYR B 88 12.94 -6.83 14.95
C TYR B 88 11.69 -6.17 15.46
C TYR B 88 11.60 -6.22 15.32
N ARG B 89 10.78 -6.91 16.10
CA ARG B 89 9.46 -6.38 16.45
C ARG B 89 9.56 -5.05 17.19
N SER B 90 10.57 -4.89 18.03
N SER B 90 10.61 -4.87 18.00
CA SER B 90 10.73 -3.61 18.73
CA SER B 90 10.78 -3.61 18.72
C SER B 90 11.15 -2.45 17.81
C SER B 90 11.18 -2.45 17.81
N PHE B 91 11.45 -2.69 16.53
CA PHE B 91 11.84 -1.60 15.63
C PHE B 91 10.68 -0.72 15.22
N TRP B 92 9.47 -1.26 15.15
CA TRP B 92 8.36 -0.53 14.57
C TRP B 92 7.36 -0.10 15.64
N GLU B 93 6.79 1.06 15.39
CA GLU B 93 5.78 1.68 16.21
C GLU B 93 4.38 1.41 15.67
N LYS B 94 4.24 1.40 14.35
CA LYS B 94 2.95 1.11 13.71
C LYS B 94 3.20 0.21 12.50
N LEU B 95 2.29 -0.73 12.27
CA LEU B 95 2.39 -1.67 11.18
C LEU B 95 0.99 -1.99 10.70
N LEU B 96 0.78 -1.89 9.40
CA LEU B 96 -0.43 -2.35 8.74
C LEU B 96 -0.07 -3.31 7.63
N ILE B 97 -0.87 -4.36 7.48
CA ILE B 97 -0.65 -5.41 6.48
C ILE B 97 -1.95 -5.56 5.70
N PHE B 98 -1.83 -5.68 4.38
CA PHE B 98 -2.97 -5.92 3.52
C PHE B 98 -2.61 -6.97 2.48
N ASP B 99 -3.60 -7.78 2.09
CA ASP B 99 -3.44 -8.80 1.06
C ASP B 99 -4.58 -8.66 0.08
N TYR B 100 -4.26 -8.43 -1.21
CA TYR B 100 -5.30 -8.18 -2.19
C TYR B 100 -4.78 -8.54 -3.58
N THR B 101 -5.75 -8.78 -4.45
CA THR B 101 -5.45 -9.04 -5.85
C THR B 101 -5.73 -7.77 -6.61
N PRO B 102 -4.72 -7.12 -7.17
CA PRO B 102 -4.96 -5.87 -7.88
C PRO B 102 -5.84 -6.11 -9.10
N ARG B 103 -6.76 -5.17 -9.35
CA ARG B 103 -7.66 -5.26 -10.50
C ARG B 103 -7.93 -3.85 -11.01
N LYS B 104 -8.72 -3.75 -12.07
N LYS B 104 -8.66 -3.75 -12.10
CA LYS B 104 -9.10 -2.47 -12.64
CA LYS B 104 -8.90 -2.46 -12.73
C LYS B 104 -10.47 -2.05 -12.14
C LYS B 104 -10.28 -1.93 -12.34
C10 8HL C . -7.70 13.62 0.58
C13 8HL C . -5.87 13.06 -0.81
C15 8HL C . -6.67 12.37 -1.69
C01 8HL C . -11.04 5.01 -4.87
C02 8HL C . -10.05 5.93 -4.19
C03 8HL C . -10.68 7.18 -3.66
C04 8HL C . -9.63 8.10 -3.09
C05 8HL C . -10.13 9.44 -2.71
C06 8HL C . -9.08 10.17 -1.89
C07 8HL C . -9.03 11.61 -2.30
C08 8HL C . -8.02 12.34 -1.43
C09 8HL C . -8.52 12.94 -0.28
C12 8HL C . -6.35 13.69 0.33
C16 8HL C . -6.03 11.79 -2.92
O11 8HL C . -8.27 14.19 1.69
O14 8HL C . -4.51 13.13 -1.01
O17 8HL C . -6.72 11.58 -3.95
O18 8HL C . -4.79 11.56 -2.92
H013 8HL C . -10.51 4.38 -5.58
H012 8HL C . -11.78 5.61 -5.39
H011 8HL C . -11.52 4.39 -4.13
H021 8HL C . -9.58 5.40 -3.36
H022 8HL C . -9.28 6.21 -4.90
H032 8HL C . -11.21 7.69 -4.45
H031 8HL C . -11.39 6.92 -2.87
H042 8HL C . -9.20 7.62 -2.22
H041 8HL C . -8.84 8.22 -3.84
H051 8HL C . -10.36 10.00 -3.60
H052 8HL C . -11.04 9.33 -2.11
H061 8HL C . -9.31 10.10 -0.84
H062 8HL C . -8.11 9.71 -2.06
H072 8HL C . -8.73 11.69 -3.35
H071 8HL C . -10.02 12.05 -2.19
H091 8HL C . -9.57 12.86 -0.05
H121 8HL C . -5.68 14.21 0.99
H111 8HL C . -7.77 13.95 2.46
H141 8HL C . -4.11 13.49 -0.23
C10 8HL D . 3.64 -9.23 11.95
C13 8HL D . 3.03 -9.72 9.70
C15 8HL D . 4.32 -9.49 9.27
C01 8HL D . 10.70 -4.35 5.44
C02 8HL D . 9.38 -4.44 6.23
C03 8HL D . 9.38 -5.66 7.13
C04 8HL D . 8.01 -5.98 7.69
C05 8HL D . 8.06 -6.91 8.89
C06 8HL D . 6.67 -7.34 9.28
C07 8HL D . 6.72 -8.77 9.83
C08 8HL D . 5.29 -9.11 10.21
C09 8HL D . 4.94 -8.97 11.54
C12 8HL D . 2.67 -9.61 11.03
C16 8HL D . 4.60 -9.66 7.80
O11 8HL D . 3.28 -9.09 13.30
O14 8HL D . 2.06 -10.11 8.77
O17 8HL D . 3.59 -9.73 7.04
O18 8HL D . 5.73 -9.79 7.31
H013 8HL D . 10.69 -5.09 4.65
H012 8HL D . 11.53 -4.54 6.12
H011 8HL D . 10.80 -3.36 5.02
H021 8HL D . 9.27 -3.54 6.83
H022 8HL D . 8.56 -4.50 5.52
H032 8HL D . 9.73 -6.51 6.56
H031 8HL D . 10.06 -5.48 7.95
H042 8HL D . 7.42 -6.47 6.92
H041 8HL D . 7.52 -5.07 7.99
H051 8HL D . 8.65 -7.78 8.65
H052 8HL D . 8.52 -6.39 9.73
H061 8HL D . 6.28 -6.67 10.04
H062 8HL D . 6.02 -7.30 8.41
H072 8HL D . 7.09 -9.45 9.07
H071 8HL D . 7.37 -8.82 10.69
H091 8HL D . 5.68 -8.64 12.25
H121 8HL D . 1.65 -9.81 11.35
H111 8HL D . 2.80 -9.86 13.57
H141 8HL D . 1.34 -9.50 8.80
#